data_5XLM
#
_entry.id   5XLM
#
_cell.length_a   58.791
_cell.length_b   58.791
_cell.length_c   92.094
_cell.angle_alpha   90.00
_cell.angle_beta   90.00
_cell.angle_gamma   120.00
#
_symmetry.space_group_name_H-M   'P 31'
#
loop_
_entity.id
_entity.type
_entity.pdbx_description
1 polymer 'Serine/threonine-protein kinase PknI'
2 water water
#
_entity_poly.entity_id   1
_entity_poly.type   'polypeptide(L)'
_entity_poly.pdbx_seq_one_letter_code
;RKTNTTATEVARPPTSGSAVPSAPTTTVAVTAPVPLDGTYRIEIQRSKQTYDYTPTPQPPDVNTWWAFRTSCTPTECLAA
ATMLDDNDHTQAKTPPVRPFLMQFGEGQWKSRPETVQFPCVGPNGSPSTQATTQLLALRPQPQGDLVGEMVVTVHSNECG
QQGAVIRIPAVASRSGDLPPAVTVPDPATIPDTPDTTSTATLTPPTTTAPGPGR
;
_entity_poly.pdbx_strand_id   A,B
#
# COMPACT_ATOMS: atom_id res chain seq x y z
N THR A 31 -1.87 13.76 -9.64
CA THR A 31 -1.63 12.77 -8.60
C THR A 31 -2.88 12.54 -7.75
N ALA A 32 -4.00 13.14 -8.16
CA ALA A 32 -5.28 12.83 -7.55
C ALA A 32 -5.80 11.51 -8.10
N PRO A 33 -6.39 10.66 -7.26
CA PRO A 33 -6.76 9.31 -7.69
C PRO A 33 -7.98 9.31 -8.61
N VAL A 34 -8.14 8.19 -9.31
CA VAL A 34 -9.39 7.95 -10.04
C VAL A 34 -10.49 7.67 -9.02
N PRO A 35 -11.62 8.38 -9.06
CA PRO A 35 -12.66 8.17 -8.06
C PRO A 35 -13.25 6.77 -8.16
N LEU A 36 -13.70 6.25 -7.02
CA LEU A 36 -14.36 4.96 -6.94
C LEU A 36 -15.86 5.20 -7.00
N ASP A 37 -16.44 5.06 -8.19
CA ASP A 37 -17.87 5.23 -8.40
C ASP A 37 -18.39 4.13 -9.29
N GLY A 38 -19.40 3.40 -8.82
CA GLY A 38 -20.01 2.31 -9.55
C GLY A 38 -20.07 1.06 -8.70
N THR A 39 -20.49 -0.03 -9.33
CA THR A 39 -20.54 -1.32 -8.66
C THR A 39 -19.16 -1.98 -8.72
N TYR A 40 -18.66 -2.39 -7.56
CA TYR A 40 -17.34 -2.99 -7.45
C TYR A 40 -17.44 -4.37 -6.80
N ARG A 41 -16.66 -5.30 -7.34
CA ARG A 41 -16.58 -6.67 -6.82
C ARG A 41 -15.25 -6.82 -6.10
N ILE A 42 -15.30 -7.16 -4.82
CA ILE A 42 -14.12 -7.30 -3.98
C ILE A 42 -13.91 -8.78 -3.69
N GLU A 43 -12.72 -9.27 -4.01
CA GLU A 43 -12.35 -10.66 -3.75
C GLU A 43 -11.32 -10.69 -2.63
N ILE A 44 -11.69 -11.26 -1.49
CA ILE A 44 -10.77 -11.48 -0.38
C ILE A 44 -10.20 -12.88 -0.56
N GLN A 45 -8.94 -12.94 -1.02
CA GLN A 45 -8.34 -14.21 -1.43
C GLN A 45 -7.71 -14.89 -0.22
N ARG A 46 -8.57 -15.52 0.58
CA ARG A 46 -8.15 -16.21 1.80
C ARG A 46 -7.33 -17.46 1.53
N SER A 47 -7.25 -17.92 0.28
CA SER A 47 -6.37 -19.02 -0.06
C SER A 47 -4.91 -18.62 -0.03
N LYS A 48 -4.62 -17.32 0.13
CA LYS A 48 -3.25 -16.80 0.18
C LYS A 48 -2.97 -16.11 1.52
N GLN A 49 -3.74 -16.44 2.55
CA GLN A 49 -3.58 -15.81 3.85
C GLN A 49 -2.22 -16.15 4.46
N THR A 50 -1.59 -15.15 5.07
CA THR A 50 -0.29 -15.32 5.71
C THR A 50 -0.36 -14.92 7.18
N TYR A 51 0.51 -15.53 7.98
CA TYR A 51 0.65 -15.25 9.41
C TYR A 51 2.09 -14.82 9.64
N ASP A 52 2.32 -13.50 9.72
CA ASP A 52 3.66 -12.93 9.76
C ASP A 52 4.48 -13.37 8.55
N TYR A 53 3.91 -13.13 7.36
CA TYR A 53 4.51 -13.43 6.06
C TYR A 53 4.64 -14.93 5.80
N THR A 54 4.38 -15.78 6.81
CA THR A 54 4.44 -17.22 6.55
C THR A 54 3.08 -17.73 6.13
N PRO A 55 2.99 -18.50 5.03
CA PRO A 55 1.68 -18.82 4.47
C PRO A 55 0.82 -19.67 5.40
N THR A 56 -0.45 -19.30 5.50
CA THR A 56 -1.46 -20.09 6.20
C THR A 56 -2.74 -20.11 5.35
N PRO A 57 -2.72 -20.85 4.24
CA PRO A 57 -3.86 -20.79 3.31
C PRO A 57 -5.13 -21.32 3.95
N GLN A 58 -6.22 -20.56 3.74
CA GLN A 58 -7.55 -20.92 4.24
C GLN A 58 -8.56 -20.71 3.12
N PRO A 59 -8.57 -21.59 2.12
CA PRO A 59 -9.52 -21.46 1.01
C PRO A 59 -10.95 -21.62 1.49
N PRO A 60 -11.94 -21.17 0.72
CA PRO A 60 -11.78 -20.51 -0.60
C PRO A 60 -11.75 -19.00 -0.51
N ASP A 61 -11.35 -18.36 -1.62
CA ASP A 61 -11.50 -16.92 -1.75
C ASP A 61 -12.98 -16.55 -1.71
N VAL A 62 -13.26 -15.34 -1.24
CA VAL A 62 -14.63 -14.89 -1.02
C VAL A 62 -14.86 -13.60 -1.80
N ASN A 63 -15.86 -13.60 -2.67
CA ASN A 63 -16.24 -12.43 -3.45
C ASN A 63 -17.47 -11.77 -2.85
N THR A 64 -17.45 -10.43 -2.80
CA THR A 64 -18.59 -9.64 -2.37
C THR A 64 -18.71 -8.44 -3.30
N TRP A 65 -19.91 -7.87 -3.36
CA TRP A 65 -20.20 -6.77 -4.26
C TRP A 65 -20.60 -5.52 -3.47
N TRP A 66 -20.10 -4.37 -3.92
CA TRP A 66 -20.25 -3.12 -3.20
C TRP A 66 -20.59 -2.01 -4.18
N ALA A 67 -21.33 -1.02 -3.70
CA ALA A 67 -21.65 0.18 -4.46
C ALA A 67 -20.80 1.32 -3.89
N PHE A 68 -19.83 1.77 -4.67
CA PHE A 68 -18.89 2.80 -4.26
C PHE A 68 -19.32 4.17 -4.76
N ARG A 69 -19.14 5.18 -3.92
CA ARG A 69 -19.25 6.57 -4.33
C ARG A 69 -18.13 7.37 -3.67
N THR A 70 -17.59 8.34 -4.39
CA THR A 70 -16.43 9.09 -3.95
C THR A 70 -16.72 10.58 -3.99
N SER A 71 -16.27 11.29 -2.95
CA SER A 71 -16.35 12.75 -2.89
C SER A 71 -15.02 13.29 -2.43
N CYS A 72 -14.49 14.27 -3.17
CA CYS A 72 -13.17 14.82 -2.90
C CYS A 72 -13.28 16.29 -2.53
N THR A 73 -12.56 16.68 -1.49
CA THR A 73 -12.33 18.08 -1.16
C THR A 73 -11.03 18.48 -1.85
N PRO A 74 -10.61 19.75 -1.81
CA PRO A 74 -9.31 20.10 -2.39
C PRO A 74 -8.13 19.34 -1.77
N THR A 75 -8.30 18.77 -0.58
CA THR A 75 -7.19 18.12 0.12
C THR A 75 -7.31 16.61 0.22
N GLU A 76 -8.53 16.06 0.32
CA GLU A 76 -8.70 14.63 0.56
C GLU A 76 -9.78 14.06 -0.36
N CYS A 77 -9.66 12.76 -0.64
CA CYS A 77 -10.69 12.01 -1.34
C CYS A 77 -11.17 10.87 -0.45
N LEU A 78 -12.49 10.80 -0.25
CA LEU A 78 -13.11 9.76 0.56
C LEU A 78 -14.04 8.92 -0.30
N ALA A 79 -14.15 7.64 0.05
CA ALA A 79 -15.02 6.72 -0.66
C ALA A 79 -15.85 5.97 0.35
N ALA A 80 -17.16 5.88 0.10
CA ALA A 80 -18.08 5.12 0.92
C ALA A 80 -18.59 3.94 0.10
N ALA A 81 -18.72 2.79 0.74
CA ALA A 81 -19.15 1.57 0.06
C ALA A 81 -20.24 0.89 0.87
N THR A 82 -21.38 0.66 0.23
CA THR A 82 -22.47 -0.10 0.85
C THR A 82 -22.57 -1.46 0.19
N MET A 83 -22.79 -2.49 1.00
CA MET A 83 -22.74 -3.85 0.51
C MET A 83 -24.00 -4.20 -0.27
N LEU A 84 -23.80 -4.88 -1.40
CA LEU A 84 -24.89 -5.36 -2.23
C LEU A 84 -25.15 -6.84 -1.94
N ASP A 85 -26.30 -7.31 -2.39
CA ASP A 85 -26.65 -8.71 -2.17
C ASP A 85 -25.79 -9.62 -3.04
N ASP A 86 -25.59 -10.85 -2.57
CA ASP A 86 -24.63 -11.75 -3.23
C ASP A 86 -25.07 -12.11 -4.63
N ASN A 87 -26.35 -12.44 -4.81
CA ASN A 87 -26.82 -12.86 -6.13
C ASN A 87 -27.35 -11.68 -6.95
N ASP A 88 -28.17 -10.83 -6.33
CA ASP A 88 -28.75 -9.68 -7.00
C ASP A 88 -27.98 -8.43 -6.58
N HIS A 89 -27.09 -7.97 -7.45
CA HIS A 89 -26.26 -6.81 -7.17
C HIS A 89 -26.97 -5.48 -7.43
N THR A 90 -28.27 -5.51 -7.71
CA THR A 90 -29.06 -4.30 -7.84
C THR A 90 -29.74 -3.89 -6.53
N GLN A 91 -29.63 -4.72 -5.49
CA GLN A 91 -30.24 -4.46 -4.20
C GLN A 91 -29.19 -4.50 -3.11
N ALA A 92 -29.37 -3.65 -2.09
CA ALA A 92 -28.47 -3.67 -0.94
C ALA A 92 -28.62 -4.99 -0.19
N LYS A 93 -27.58 -5.30 0.59
CA LYS A 93 -27.56 -6.56 1.33
C LYS A 93 -28.65 -6.58 2.39
N THR A 94 -29.29 -7.73 2.56
CA THR A 94 -30.31 -7.93 3.57
C THR A 94 -29.84 -9.01 4.53
N PRO A 95 -29.72 -8.74 5.84
CA PRO A 95 -30.04 -7.47 6.52
C PRO A 95 -29.07 -6.34 6.19
N PRO A 96 -29.45 -5.09 6.48
CA PRO A 96 -28.55 -3.97 6.17
C PRO A 96 -27.20 -4.12 6.85
N VAL A 97 -26.15 -3.78 6.12
CA VAL A 97 -24.78 -3.79 6.60
C VAL A 97 -24.27 -2.36 6.59
N ARG A 98 -23.60 -1.96 7.67
CA ARG A 98 -23.10 -0.59 7.77
C ARG A 98 -22.07 -0.33 6.66
N PRO A 99 -22.10 0.84 6.04
CA PRO A 99 -21.11 1.16 5.03
C PRO A 99 -19.75 1.45 5.65
N PHE A 100 -18.69 1.05 4.95
CA PHE A 100 -17.34 1.35 5.38
C PHE A 100 -16.74 2.42 4.48
N LEU A 101 -15.78 3.15 5.02
CA LEU A 101 -15.22 4.32 4.36
C LEU A 101 -13.75 4.07 4.03
N MET A 102 -13.31 4.61 2.89
CA MET A 102 -11.91 4.55 2.50
C MET A 102 -11.41 5.95 2.20
N GLN A 103 -10.18 6.23 2.60
CA GLN A 103 -9.52 7.51 2.36
C GLN A 103 -8.28 7.27 1.51
N PHE A 104 -8.15 8.03 0.43
CA PHE A 104 -6.97 7.91 -0.43
C PHE A 104 -5.83 8.73 0.16
N GLY A 105 -4.67 8.09 0.28
CA GLY A 105 -3.49 8.72 0.83
C GLY A 105 -2.27 7.84 0.64
N GLU A 106 -1.13 8.46 0.35
CA GLU A 106 0.12 7.73 0.08
C GLU A 106 -0.05 6.76 -1.09
N GLY A 107 -0.86 7.16 -2.07
CA GLY A 107 -1.04 6.37 -3.27
C GLY A 107 -1.90 5.14 -3.13
N GLN A 108 -2.77 5.09 -2.12
CA GLN A 108 -3.63 3.92 -1.95
C GLN A 108 -4.91 4.33 -1.23
N TRP A 109 -5.97 3.55 -1.44
CA TRP A 109 -7.19 3.66 -0.66
C TRP A 109 -7.05 2.77 0.57
N LYS A 110 -7.40 3.31 1.74
CA LYS A 110 -7.31 2.54 2.96
C LYS A 110 -8.51 2.85 3.86
N SER A 111 -9.18 1.81 4.31
CA SER A 111 -10.28 1.98 5.25
C SER A 111 -9.71 2.25 6.64
N ARG A 112 -10.53 2.88 7.47
CA ARG A 112 -10.06 3.16 8.82
C ARG A 112 -9.97 1.85 9.61
N PRO A 113 -8.99 1.72 10.51
CA PRO A 113 -8.90 0.50 11.31
C PRO A 113 -10.08 0.36 12.25
N GLU A 114 -10.60 -0.85 12.36
CA GLU A 114 -11.76 -1.12 13.20
C GLU A 114 -11.47 -2.33 14.08
N THR A 115 -11.84 -2.22 15.35
CA THR A 115 -11.62 -3.30 16.30
C THR A 115 -12.60 -4.44 16.04
N VAL A 116 -12.07 -5.64 15.85
CA VAL A 116 -12.88 -6.82 15.52
C VAL A 116 -12.37 -7.99 16.36
N GLN A 117 -13.31 -8.75 16.92
CA GLN A 117 -12.97 -9.91 17.73
C GLN A 117 -12.61 -11.10 16.83
N PHE A 118 -11.61 -11.87 17.27
CA PHE A 118 -11.10 -13.01 16.53
C PHE A 118 -11.01 -14.22 17.46
N PRO A 119 -11.34 -15.43 16.97
CA PRO A 119 -11.37 -16.70 17.72
C PRO A 119 -10.27 -16.87 18.77
N GLN A 130 -9.91 -12.83 20.58
CA GLN A 130 -8.92 -11.80 20.80
C GLN A 130 -9.20 -10.56 19.94
N ALA A 131 -8.83 -9.40 20.48
CA ALA A 131 -9.10 -8.12 19.82
C ALA A 131 -8.07 -7.86 18.73
N THR A 132 -8.55 -7.47 17.55
CA THR A 132 -7.68 -7.18 16.41
C THR A 132 -8.07 -5.84 15.79
N THR A 133 -7.19 -5.32 14.95
CA THR A 133 -7.49 -4.22 14.06
C THR A 133 -7.48 -4.73 12.63
N GLN A 134 -8.55 -4.49 11.90
CA GLN A 134 -8.70 -4.96 10.53
C GLN A 134 -8.96 -3.78 9.61
N LEU A 135 -8.25 -3.75 8.48
CA LEU A 135 -8.43 -2.71 7.50
C LEU A 135 -8.22 -3.28 6.11
N LEU A 136 -8.74 -2.58 5.11
CA LEU A 136 -8.57 -2.93 3.70
C LEU A 136 -7.74 -1.85 3.02
N ALA A 137 -6.71 -2.28 2.31
CA ALA A 137 -5.90 -1.38 1.49
C ALA A 137 -6.07 -1.79 0.03
N LEU A 138 -6.36 -0.82 -0.82
CA LEU A 138 -6.55 -1.06 -2.25
C LEU A 138 -5.71 -0.07 -3.03
N ARG A 139 -4.78 -0.58 -3.83
CA ARG A 139 -3.89 0.26 -4.61
C ARG A 139 -4.37 0.31 -6.05
N PRO A 140 -4.61 1.49 -6.62
CA PRO A 140 -5.08 1.56 -8.01
C PRO A 140 -4.00 1.07 -8.96
N GLN A 141 -4.39 0.15 -9.84
CA GLN A 141 -3.50 -0.36 -10.86
C GLN A 141 -3.61 0.58 -12.05
N PRO A 142 -2.65 0.55 -12.96
CA PRO A 142 -2.68 1.45 -14.11
C PRO A 142 -3.93 1.21 -14.96
N GLN A 143 -4.31 -0.06 -15.06
CA GLN A 143 -5.46 -0.48 -15.86
C GLN A 143 -6.87 -0.02 -15.47
N GLY A 144 -7.18 0.07 -14.19
CA GLY A 144 -8.55 0.43 -13.82
C GLY A 144 -9.05 -0.30 -12.59
N ASP A 145 -8.60 -1.54 -12.41
CA ASP A 145 -8.92 -2.30 -11.22
C ASP A 145 -7.96 -1.94 -10.09
N LEU A 146 -8.16 -2.55 -8.93
CA LEU A 146 -7.34 -2.26 -7.76
C LEU A 146 -6.87 -3.56 -7.12
N VAL A 147 -5.63 -3.56 -6.64
CA VAL A 147 -5.04 -4.71 -5.97
C VAL A 147 -4.54 -4.24 -4.61
N GLY A 148 -4.81 -5.04 -3.58
CA GLY A 148 -4.36 -4.69 -2.26
C GLY A 148 -4.37 -5.86 -1.30
N GLU A 149 -4.74 -5.61 -0.05
CA GLU A 149 -4.71 -6.67 0.95
C GLU A 149 -5.54 -6.26 2.15
N MET A 150 -6.06 -7.26 2.85
CA MET A 150 -6.71 -7.06 4.14
C MET A 150 -5.68 -7.35 5.23
N VAL A 151 -5.52 -6.41 6.16
CA VAL A 151 -4.50 -6.48 7.19
C VAL A 151 -5.19 -6.62 8.54
N VAL A 152 -4.88 -7.71 9.24
CA VAL A 152 -5.47 -8.01 10.55
C VAL A 152 -4.33 -8.10 11.56
N THR A 153 -4.22 -7.08 12.41
CA THR A 153 -3.18 -7.03 13.43
C THR A 153 -3.77 -7.44 14.78
N VAL A 154 -3.15 -8.42 15.42
CA VAL A 154 -3.66 -9.02 16.65
C VAL A 154 -3.14 -8.27 17.87
N HIS A 155 -4.02 -8.06 18.85
CA HIS A 155 -3.69 -7.34 20.07
C HIS A 155 -3.92 -8.16 21.33
N SER A 156 -4.22 -9.45 21.20
CA SER A 156 -4.47 -10.29 22.37
C SER A 156 -4.22 -11.76 22.06
N GLN A 161 -0.41 -15.65 20.69
CA GLN A 161 -0.62 -15.13 19.34
C GLN A 161 -0.87 -13.62 19.36
N GLN A 162 -0.48 -12.97 20.45
CA GLN A 162 -0.73 -11.55 20.66
C GLN A 162 0.37 -10.74 19.98
N GLY A 163 0.09 -10.26 18.77
CA GLY A 163 1.00 -9.35 18.11
C GLY A 163 1.31 -9.64 16.65
N ALA A 164 0.79 -10.74 16.11
CA ALA A 164 1.07 -11.08 14.73
C ALA A 164 0.24 -10.21 13.78
N VAL A 165 0.53 -10.35 12.49
CA VAL A 165 -0.13 -9.56 11.44
C VAL A 165 -0.59 -10.54 10.36
N ILE A 166 -1.91 -10.68 10.20
CA ILE A 166 -2.49 -11.54 9.18
C ILE A 166 -2.75 -10.72 7.93
N ARG A 167 -2.24 -11.18 6.80
CA ARG A 167 -2.38 -10.49 5.52
C ARG A 167 -3.11 -11.40 4.54
N ILE A 168 -4.14 -10.85 3.90
CA ILE A 168 -4.93 -11.59 2.93
C ILE A 168 -5.00 -10.75 1.66
N PRO A 169 -4.46 -11.22 0.53
CA PRO A 169 -4.54 -10.43 -0.71
C PRO A 169 -5.97 -10.16 -1.11
N ALA A 170 -6.17 -9.03 -1.79
CA ALA A 170 -7.49 -8.57 -2.18
C ALA A 170 -7.44 -7.94 -3.57
N VAL A 171 -8.51 -8.15 -4.33
CA VAL A 171 -8.66 -7.58 -5.67
C VAL A 171 -10.03 -6.93 -5.75
N ALA A 172 -10.10 -5.74 -6.35
CA ALA A 172 -11.36 -5.03 -6.56
C ALA A 172 -11.45 -4.64 -8.01
N SER A 173 -12.57 -5.00 -8.65
CA SER A 173 -12.78 -4.72 -10.06
C SER A 173 -14.16 -4.11 -10.24
N ARG A 174 -14.24 -3.09 -11.10
CA ARG A 174 -15.49 -2.37 -11.30
C ARG A 174 -16.38 -3.13 -12.27
N SER A 175 -17.66 -3.26 -11.91
CA SER A 175 -18.65 -3.98 -12.71
C SER A 175 -19.75 -3.00 -13.09
N GLY A 176 -19.46 -2.16 -14.09
CA GLY A 176 -20.44 -1.20 -14.55
C GLY A 176 -20.74 -0.11 -13.54
N ASP A 177 -21.84 0.59 -13.79
CA ASP A 177 -22.23 1.74 -13.00
C ASP A 177 -22.92 1.30 -11.71
N LEU A 178 -23.35 2.30 -10.91
CA LEU A 178 -24.04 2.03 -9.66
C LEU A 178 -25.39 1.36 -9.93
N PRO A 179 -25.92 0.64 -8.95
CA PRO A 179 -27.30 0.18 -9.05
C PRO A 179 -28.25 1.34 -8.78
N PRO A 180 -29.02 1.77 -9.79
CA PRO A 180 -29.88 2.95 -9.62
C PRO A 180 -30.92 2.81 -8.53
N ALA A 181 -31.11 1.59 -7.99
CA ALA A 181 -32.05 1.40 -6.89
C ALA A 181 -31.43 1.71 -5.54
N VAL A 182 -30.14 1.46 -5.37
CA VAL A 182 -29.50 1.58 -4.06
C VAL A 182 -29.09 3.03 -3.82
N THR A 183 -29.09 3.43 -2.55
CA THR A 183 -28.62 4.74 -2.14
C THR A 183 -27.33 4.56 -1.35
N VAL A 184 -26.22 5.01 -1.93
CA VAL A 184 -24.93 4.96 -1.24
C VAL A 184 -24.79 6.22 -0.41
N PRO A 185 -24.48 6.12 0.89
CA PRO A 185 -24.33 7.33 1.70
C PRO A 185 -23.14 8.15 1.26
N ASP A 186 -23.39 9.40 0.89
CA ASP A 186 -22.33 10.30 0.46
C ASP A 186 -21.32 10.48 1.60
N PRO A 187 -20.05 10.16 1.39
CA PRO A 187 -19.07 10.32 2.47
C PRO A 187 -18.90 11.76 2.92
N ALA A 188 -19.23 12.72 2.06
CA ALA A 188 -19.23 14.14 2.43
C ALA A 188 -20.55 14.54 3.07
N THR A 189 -21.04 13.71 3.99
CA THR A 189 -22.25 14.01 4.74
C THR A 189 -22.05 13.71 6.22
N THR B 31 -1.73 -8.58 -12.85
CA THR B 31 -0.70 -8.49 -13.86
C THR B 31 0.61 -7.98 -13.28
N ALA B 32 1.71 -8.24 -13.99
CA ALA B 32 3.03 -7.88 -13.50
C ALA B 32 3.22 -6.36 -13.49
N PRO B 33 4.05 -5.84 -12.60
CA PRO B 33 4.25 -4.39 -12.53
C PRO B 33 5.24 -3.90 -13.57
N VAL B 34 5.28 -2.58 -13.72
CA VAL B 34 6.35 -1.96 -14.51
C VAL B 34 7.67 -2.10 -13.75
N PRO B 35 8.73 -2.61 -14.38
CA PRO B 35 9.99 -2.80 -13.65
C PRO B 35 10.60 -1.47 -13.24
N LEU B 36 11.33 -1.50 -12.13
CA LEU B 36 12.06 -0.33 -11.63
C LEU B 36 13.49 -0.43 -12.15
N ASP B 37 13.78 0.30 -13.22
CA ASP B 37 15.09 0.28 -13.86
C ASP B 37 15.46 1.70 -14.25
N GLY B 38 16.53 2.21 -13.66
CA GLY B 38 17.02 3.54 -13.93
C GLY B 38 17.38 4.26 -12.66
N THR B 39 17.67 5.56 -12.80
CA THR B 39 17.95 6.41 -11.66
C THR B 39 16.64 6.96 -11.11
N TYR B 40 16.42 6.77 -9.81
CA TYR B 40 15.21 7.19 -9.14
C TYR B 40 15.55 8.13 -7.99
N ARG B 41 14.80 9.23 -7.90
CA ARG B 41 14.88 10.13 -6.76
C ARG B 41 13.78 9.76 -5.76
N ILE B 42 14.17 9.49 -4.52
CA ILE B 42 13.23 9.15 -3.45
C ILE B 42 13.20 10.32 -2.47
N GLU B 43 12.02 10.88 -2.26
CA GLU B 43 11.82 11.96 -1.31
C GLU B 43 11.07 11.43 -0.10
N ILE B 44 11.75 11.39 1.04
CA ILE B 44 11.14 11.02 2.30
C ILE B 44 10.63 12.32 2.93
N GLN B 45 9.31 12.51 2.90
CA GLN B 45 8.71 13.79 3.27
C GLN B 45 8.50 13.83 4.78
N ARG B 46 9.60 14.11 5.49
CA ARG B 46 9.57 14.17 6.95
C ARG B 46 8.66 15.26 7.48
N SER B 47 8.34 16.27 6.66
CA SER B 47 7.46 17.34 7.11
C SER B 47 6.03 16.86 7.30
N LYS B 48 5.66 15.73 6.72
CA LYS B 48 4.32 15.17 6.86
C LYS B 48 4.30 13.93 7.75
N GLN B 49 5.32 13.77 8.60
CA GLN B 49 5.41 12.61 9.47
C GLN B 49 4.25 12.59 10.47
N THR B 50 3.69 11.41 10.69
CA THR B 50 2.59 11.21 11.61
C THR B 50 2.99 10.19 12.67
N TYR B 51 2.32 10.28 13.82
CA TYR B 51 2.47 9.34 14.91
C TYR B 51 1.07 8.82 15.26
N ASP B 52 0.76 7.61 14.77
CA ASP B 52 -0.60 7.06 14.81
C ASP B 52 -1.59 8.03 14.18
N TYR B 53 -1.30 8.43 12.95
CA TYR B 53 -2.15 9.27 12.10
C TYR B 53 -2.23 10.71 12.61
N THR B 54 -1.69 10.99 13.80
CA THR B 54 -1.72 12.38 14.27
C THR B 54 -0.44 13.09 13.84
N PRO B 55 -0.54 14.28 13.25
CA PRO B 55 0.62 14.87 12.57
C PRO B 55 1.71 15.29 13.56
N THR B 56 2.95 14.91 13.26
CA THR B 56 4.14 15.36 13.97
C THR B 56 5.13 15.85 12.93
N PRO B 57 4.94 17.03 12.37
CA PRO B 57 5.80 17.50 11.28
C PRO B 57 7.24 17.68 11.73
N GLN B 58 8.17 17.19 10.91
CA GLN B 58 9.61 17.31 11.17
C GLN B 58 10.31 17.71 9.89
N PRO B 59 10.12 18.94 9.42
CA PRO B 59 10.77 19.39 8.18
C PRO B 59 12.28 19.39 8.32
N PRO B 60 13.02 19.37 7.22
CA PRO B 60 12.53 19.35 5.83
C PRO B 60 12.42 17.94 5.26
N ASP B 61 11.77 17.83 4.10
CA ASP B 61 11.80 16.58 3.35
C ASP B 61 13.21 16.32 2.85
N VAL B 62 13.55 15.04 2.73
CA VAL B 62 14.90 14.61 2.40
C VAL B 62 14.87 13.83 1.08
N ASN B 63 15.70 14.26 0.13
CA ASN B 63 15.80 13.61 -1.17
C ASN B 63 17.10 12.80 -1.24
N THR B 64 17.00 11.57 -1.76
CA THR B 64 18.15 10.73 -2.04
C THR B 64 17.96 10.11 -3.42
N TRP B 65 19.07 9.68 -4.01
CA TRP B 65 19.06 9.12 -5.36
C TRP B 65 19.54 7.69 -5.34
N TRP B 66 18.92 6.85 -6.18
CA TRP B 66 19.13 5.43 -6.17
C TRP B 66 19.17 4.89 -7.59
N ALA B 67 19.98 3.86 -7.80
CA ALA B 67 20.05 3.15 -9.07
C ALA B 67 19.30 1.84 -8.91
N PHE B 68 18.15 1.72 -9.58
CA PHE B 68 17.27 0.57 -9.45
C PHE B 68 17.48 -0.41 -10.60
N ARG B 69 17.50 -1.70 -10.28
CA ARG B 69 17.40 -2.74 -11.29
C ARG B 69 16.43 -3.80 -10.81
N THR B 70 15.67 -4.36 -11.75
CA THR B 70 14.59 -5.29 -11.43
C THR B 70 14.78 -6.58 -12.23
N SER B 71 14.57 -7.71 -11.56
CA SER B 71 14.54 -9.01 -12.21
C SER B 71 13.31 -9.77 -11.74
N CYS B 72 12.57 -10.33 -12.69
CA CYS B 72 11.32 -11.01 -12.39
C CYS B 72 11.43 -12.48 -12.76
N THR B 73 10.93 -13.34 -11.87
CA THR B 73 10.72 -14.75 -12.16
C THR B 73 9.27 -14.89 -12.62
N PRO B 74 8.81 -16.07 -13.04
CA PRO B 74 7.38 -16.22 -13.32
C PRO B 74 6.49 -15.95 -12.12
N THR B 75 7.00 -16.09 -10.90
CA THR B 75 6.19 -15.94 -9.70
C THR B 75 6.42 -14.63 -8.96
N GLU B 76 7.59 -14.01 -9.09
CA GLU B 76 7.92 -12.84 -8.28
C GLU B 76 8.73 -11.83 -9.08
N CYS B 77 8.60 -10.55 -8.68
CA CYS B 77 9.43 -9.47 -9.19
C CYS B 77 10.18 -8.85 -8.02
N LEU B 78 11.51 -8.78 -8.14
CA LEU B 78 12.35 -8.20 -7.12
C LEU B 78 13.11 -7.01 -7.69
N ALA B 79 13.36 -6.02 -6.85
CA ALA B 79 14.09 -4.82 -7.24
C ALA B 79 15.19 -4.55 -6.23
N ALA B 80 16.38 -4.23 -6.74
CA ALA B 80 17.52 -3.88 -5.91
C ALA B 80 17.93 -2.46 -6.21
N ALA B 81 18.27 -1.71 -5.16
CA ALA B 81 18.58 -0.29 -5.29
C ALA B 81 19.85 0.01 -4.50
N THR B 82 20.86 0.56 -5.17
CA THR B 82 22.07 1.02 -4.51
C THR B 82 22.08 2.54 -4.49
N MET B 83 22.53 3.12 -3.38
CA MET B 83 22.44 4.56 -3.20
C MET B 83 23.52 5.28 -4.00
N LEU B 84 23.15 6.42 -4.58
CA LEU B 84 24.06 7.27 -5.32
C LEU B 84 24.46 8.48 -4.48
N ASP B 85 25.46 9.21 -4.97
CA ASP B 85 25.91 10.40 -4.27
C ASP B 85 24.87 11.51 -4.38
N ASP B 86 24.82 12.36 -3.36
CA ASP B 86 23.76 13.38 -3.29
C ASP B 86 23.96 14.45 -4.36
N ASN B 87 25.20 14.75 -4.75
CA ASN B 87 25.45 15.74 -5.79
C ASN B 87 25.77 15.12 -7.14
N ASP B 88 26.45 13.98 -7.16
CA ASP B 88 26.90 13.32 -8.37
C ASP B 88 26.14 12.01 -8.50
N HIS B 89 25.08 12.01 -9.31
CA HIS B 89 24.22 10.85 -9.45
C HIS B 89 24.77 9.81 -10.42
N THR B 90 25.95 10.03 -10.99
CA THR B 90 26.61 9.02 -11.80
C THR B 90 27.59 8.18 -11.00
N GLN B 91 27.65 8.38 -9.68
CA GLN B 91 28.63 7.73 -8.83
C GLN B 91 27.92 7.18 -7.60
N ALA B 92 28.32 5.98 -7.17
CA ALA B 92 27.76 5.39 -5.97
C ALA B 92 28.11 6.24 -4.75
N LYS B 93 27.26 6.14 -3.72
CA LYS B 93 27.45 6.92 -2.51
C LYS B 93 28.75 6.56 -1.82
N THR B 94 29.45 7.58 -1.32
CA THR B 94 30.70 7.40 -0.59
C THR B 94 30.52 7.97 0.82
N PRO B 95 30.67 7.16 1.89
CA PRO B 95 31.06 5.76 1.88
C PRO B 95 29.94 4.84 1.37
N PRO B 96 30.32 3.69 0.81
CA PRO B 96 29.32 2.81 0.19
C PRO B 96 28.29 2.31 1.20
N VAL B 97 27.08 2.10 0.71
CA VAL B 97 25.94 1.68 1.52
C VAL B 97 25.39 0.39 0.93
N ARG B 98 25.05 -0.55 1.82
CA ARG B 98 24.44 -1.79 1.36
C ARG B 98 23.13 -1.50 0.64
N PRO B 99 22.89 -2.15 -0.50
CA PRO B 99 21.64 -1.97 -1.21
C PRO B 99 20.47 -2.58 -0.45
N PHE B 100 19.26 -2.09 -0.75
CA PHE B 100 18.05 -2.64 -0.18
C PHE B 100 17.18 -3.22 -1.29
N LEU B 101 16.42 -4.25 -0.95
CA LEU B 101 15.59 -4.97 -1.91
C LEU B 101 14.13 -4.62 -1.70
N MET B 102 13.37 -4.60 -2.80
CA MET B 102 11.93 -4.45 -2.76
C MET B 102 11.30 -5.58 -3.55
N GLN B 103 10.19 -6.09 -3.03
CA GLN B 103 9.44 -7.16 -3.67
C GLN B 103 8.06 -6.64 -4.00
N PHE B 104 7.62 -6.84 -5.24
CA PHE B 104 6.29 -6.41 -5.63
C PHE B 104 5.27 -7.45 -5.23
N GLY B 105 4.24 -7.02 -4.51
CA GLY B 105 3.20 -7.91 -4.06
C GLY B 105 2.01 -7.12 -3.54
N GLU B 106 0.80 -7.60 -3.85
CA GLU B 106 -0.44 -6.92 -3.45
C GLU B 106 -0.48 -5.50 -4.00
N GLY B 107 0.04 -5.33 -5.22
CA GLY B 107 -0.07 -4.05 -5.91
C GLY B 107 0.90 -2.98 -5.47
N GLN B 108 1.98 -3.34 -4.77
CA GLN B 108 2.94 -2.34 -4.32
C GLN B 108 4.32 -2.99 -4.20
N TRP B 109 5.34 -2.14 -4.29
CA TRP B 109 6.70 -2.53 -3.95
C TRP B 109 6.91 -2.30 -2.46
N LYS B 110 7.49 -3.29 -1.77
CA LYS B 110 7.72 -3.17 -0.34
C LYS B 110 9.07 -3.78 0.00
N SER B 111 9.88 -3.02 0.72
CA SER B 111 11.17 -3.53 1.18
C SER B 111 10.97 -4.45 2.38
N ARG B 112 11.97 -5.29 2.63
CA ARG B 112 11.92 -6.18 3.77
C ARG B 112 12.02 -5.37 5.06
N PRO B 113 11.23 -5.70 6.08
CA PRO B 113 11.34 -4.99 7.36
C PRO B 113 12.71 -5.25 7.98
N GLU B 114 13.37 -4.18 8.38
CA GLU B 114 14.71 -4.25 8.95
C GLU B 114 14.69 -3.64 10.35
N THR B 115 15.28 -4.37 11.30
CA THR B 115 15.37 -3.88 12.66
C THR B 115 16.35 -2.71 12.73
N VAL B 116 15.88 -1.56 13.22
CA VAL B 116 16.67 -0.35 13.29
C VAL B 116 16.45 0.28 14.65
N GLN B 117 17.55 0.50 15.39
CA GLN B 117 17.44 1.15 16.69
C GLN B 117 17.06 2.62 16.51
N PHE B 118 16.36 3.16 17.51
CA PHE B 118 15.76 4.48 17.43
C PHE B 118 15.66 5.06 18.84
N PRO B 119 16.35 6.17 19.12
CA PRO B 119 16.47 6.73 20.49
C PRO B 119 15.13 7.03 21.16
N ALA B 131 14.54 0.67 18.86
CA ALA B 131 14.24 -0.72 18.54
C ALA B 131 12.97 -0.81 17.69
N THR B 132 13.10 -0.52 16.40
CA THR B 132 11.96 -0.44 15.50
C THR B 132 12.12 -1.39 14.31
N THR B 133 11.02 -1.57 13.60
CA THR B 133 11.03 -2.18 12.27
C THR B 133 10.68 -1.11 11.25
N GLN B 134 11.56 -0.93 10.27
CA GLN B 134 11.38 0.10 9.25
C GLN B 134 11.32 -0.56 7.88
N LEU B 135 10.35 -0.15 7.08
CA LEU B 135 10.24 -0.60 5.71
C LEU B 135 9.75 0.56 4.85
N LEU B 136 9.88 0.39 3.54
CA LEU B 136 9.43 1.37 2.57
C LEU B 136 8.44 0.73 1.62
N ALA B 137 7.30 1.37 1.43
CA ALA B 137 6.26 0.91 0.52
C ALA B 137 6.08 1.93 -0.59
N LEU B 138 6.08 1.47 -1.84
CA LEU B 138 5.94 2.34 -3.00
C LEU B 138 4.85 1.79 -3.91
N ARG B 139 3.84 2.60 -4.19
CA ARG B 139 2.76 2.17 -5.06
C ARG B 139 2.87 2.80 -6.44
N PRO B 140 2.91 2.03 -7.52
CA PRO B 140 3.02 2.65 -8.85
C PRO B 140 1.75 3.42 -9.20
N GLN B 141 1.93 4.64 -9.63
CA GLN B 141 0.76 5.40 -10.03
C GLN B 141 0.60 5.39 -11.55
N PRO B 142 -0.63 5.56 -12.05
CA PRO B 142 -0.85 5.50 -13.51
C PRO B 142 0.02 6.45 -14.32
N GLN B 143 0.57 7.47 -13.65
CA GLN B 143 1.38 8.47 -14.33
C GLN B 143 2.79 7.98 -14.66
N GLY B 144 3.29 7.00 -13.92
CA GLY B 144 4.62 6.43 -14.16
C GLY B 144 5.54 6.47 -12.96
N ASP B 145 5.34 7.41 -12.04
CA ASP B 145 6.14 7.48 -10.83
C ASP B 145 5.45 6.68 -9.73
N LEU B 146 5.98 6.77 -8.51
CA LEU B 146 5.48 5.95 -7.40
C LEU B 146 5.25 6.83 -6.18
N VAL B 147 4.18 6.51 -5.46
CA VAL B 147 3.83 7.19 -4.22
C VAL B 147 3.62 6.14 -3.14
N GLY B 148 4.17 6.39 -1.96
CA GLY B 148 4.02 5.46 -0.86
C GLY B 148 4.34 6.06 0.48
N GLU B 149 4.98 5.28 1.35
CA GLU B 149 5.26 5.75 2.70
C GLU B 149 6.33 4.88 3.33
N MET B 150 7.10 5.49 4.22
CA MET B 150 8.04 4.78 5.09
C MET B 150 7.33 4.50 6.41
N VAL B 151 7.26 3.23 6.79
CA VAL B 151 6.52 2.80 7.97
C VAL B 151 7.52 2.36 9.03
N VAL B 152 7.48 3.02 10.18
CA VAL B 152 8.38 2.75 11.29
C VAL B 152 7.54 2.34 12.48
N THR B 153 7.62 1.05 12.84
CA THR B 153 6.87 0.51 13.96
C THR B 153 7.79 0.41 15.17
N VAL B 154 7.47 1.17 16.23
CA VAL B 154 8.30 1.28 17.42
C VAL B 154 7.99 0.14 18.37
N HIS B 155 9.01 -0.28 19.14
CA HIS B 155 8.85 -1.38 20.10
C HIS B 155 9.34 -1.04 21.49
N SER B 156 9.77 0.19 21.76
CA SER B 156 10.25 0.58 23.08
C SER B 156 10.24 2.09 23.28
N GLN B 161 6.89 4.87 23.44
CA GLN B 161 6.18 4.49 22.23
C GLN B 161 6.28 2.99 21.99
N GLN B 162 6.13 2.22 23.06
CA GLN B 162 6.36 0.78 22.97
C GLN B 162 5.27 0.08 22.16
N GLY B 163 5.13 0.43 20.88
CA GLY B 163 4.16 -0.23 20.04
C GLY B 163 3.45 0.65 19.04
N ALA B 164 3.93 1.89 18.87
CA ALA B 164 3.30 2.84 17.96
C ALA B 164 3.77 2.61 16.53
N VAL B 165 3.21 3.39 15.60
CA VAL B 165 3.52 3.28 14.18
C VAL B 165 3.75 4.69 13.64
N ILE B 166 4.97 4.96 13.19
CA ILE B 166 5.31 6.23 12.58
C ILE B 166 5.24 6.08 11.06
N ARG B 167 4.54 6.99 10.40
CA ARG B 167 4.36 6.94 8.95
C ARG B 167 4.88 8.23 8.34
N ILE B 168 5.71 8.11 7.30
CA ILE B 168 6.27 9.24 6.60
C ILE B 168 5.98 9.07 5.12
N PRO B 169 5.22 9.98 4.50
CA PRO B 169 4.94 9.86 3.06
C PRO B 169 6.21 9.88 2.24
N ALA B 170 6.16 9.21 1.09
CA ALA B 170 7.32 9.06 0.22
C ALA B 170 6.90 9.15 -1.23
N VAL B 171 7.76 9.74 -2.06
CA VAL B 171 7.55 9.86 -3.50
C VAL B 171 8.82 9.41 -4.19
N ALA B 172 8.68 8.60 -5.23
CA ALA B 172 9.79 8.14 -6.04
C ALA B 172 9.53 8.50 -7.49
N SER B 173 10.52 9.09 -8.15
CA SER B 173 10.40 9.51 -9.54
C SER B 173 11.64 9.13 -10.31
N ARG B 174 11.44 8.61 -11.52
CA ARG B 174 12.53 8.15 -12.37
C ARG B 174 13.11 9.34 -13.14
N SER B 175 14.30 9.78 -12.74
CA SER B 175 14.93 10.91 -13.42
C SER B 175 15.50 10.51 -14.78
N GLY B 176 15.96 9.28 -14.93
CA GLY B 176 16.53 8.86 -16.19
C GLY B 176 17.08 7.45 -16.10
N ASP B 177 17.91 7.10 -17.08
CA ASP B 177 18.47 5.76 -17.14
C ASP B 177 19.46 5.54 -15.99
N LEU B 178 19.95 4.31 -15.90
CA LEU B 178 20.95 3.98 -14.89
C LEU B 178 22.19 4.85 -15.08
N PRO B 179 22.93 5.12 -14.00
CA PRO B 179 24.25 5.70 -14.16
C PRO B 179 25.16 4.74 -14.90
N PRO B 180 25.57 5.09 -16.13
CA PRO B 180 26.24 4.10 -16.98
C PRO B 180 27.59 3.64 -16.44
N ALA B 181 27.97 4.13 -15.27
CA ALA B 181 29.24 3.77 -14.64
C ALA B 181 29.07 3.01 -13.33
N VAL B 182 27.84 2.77 -12.88
CA VAL B 182 27.62 2.05 -11.62
C VAL B 182 27.05 0.68 -11.94
N THR B 183 27.30 -0.27 -11.03
CA THR B 183 26.80 -1.63 -11.13
C THR B 183 25.85 -1.87 -9.97
N VAL B 184 24.57 -2.05 -10.27
CA VAL B 184 23.57 -2.37 -9.25
C VAL B 184 23.61 -3.87 -9.04
N PRO B 185 23.57 -4.36 -7.79
CA PRO B 185 23.53 -5.82 -7.59
C PRO B 185 22.26 -6.41 -8.16
N ASP B 186 22.42 -7.42 -9.01
CA ASP B 186 21.27 -8.11 -9.60
C ASP B 186 20.48 -8.78 -8.50
N PRO B 187 19.20 -8.44 -8.32
CA PRO B 187 18.42 -9.07 -7.25
C PRO B 187 18.26 -10.57 -7.43
N ALA B 188 18.36 -11.06 -8.66
CA ALA B 188 18.33 -12.50 -8.93
C ALA B 188 19.72 -13.11 -8.74
N THR B 189 20.30 -12.84 -7.57
CA THR B 189 21.59 -13.42 -7.20
C THR B 189 21.75 -13.47 -5.69
#